data_2E1N
#
_entry.id   2E1N
#
_cell.length_a   57.153
_cell.length_b   61.539
_cell.length_c   75.676
_cell.angle_alpha   90.00
_cell.angle_beta   90.00
_cell.angle_gamma   90.00
#
_symmetry.space_group_name_H-M   'P 21 21 21'
#
loop_
_entity.id
_entity.type
_entity.pdbx_description
1 polymer Pex
2 non-polymer 'SULFATE ION'
3 water water
#
_entity_poly.entity_id   1
_entity_poly.type   'polypeptide(L)'
_entity_poly.pdbx_seq_one_letter_code
;GPLGSSRVSVLSMDFEDIYRFFQDPPPHYLSKELAVCYVLAVLRHEDSYGTELIQHLETHWPNYRLSDTVLYTALKFLED
EQIISGYWKKVEGRGRPRRMYQLAQANDDRSRDLAQLWERYLSSSAATDRQLIPVEAR
;
_entity_poly.pdbx_strand_id   A,B
#
loop_
_chem_comp.id
_chem_comp.type
_chem_comp.name
_chem_comp.formula
SO4 non-polymer 'SULFATE ION' 'O4 S -2'
#
# COMPACT_ATOMS: atom_id res chain seq x y z
N MET A 13 -20.65 5.53 -1.49
CA MET A 13 -19.59 6.47 -1.06
C MET A 13 -20.20 7.51 -0.12
N ASP A 14 -19.50 7.87 0.96
CA ASP A 14 -20.03 8.85 1.92
C ASP A 14 -18.95 9.37 2.87
N PHE A 15 -19.14 10.56 3.40
CA PHE A 15 -18.06 11.18 4.17
C PHE A 15 -17.54 10.37 5.37
N GLU A 16 -18.44 9.78 6.16
CA GLU A 16 -18.01 8.88 7.27
C GLU A 16 -17.02 7.82 6.78
N ASP A 17 -17.40 7.15 5.68
CA ASP A 17 -16.60 6.14 4.97
C ASP A 17 -15.22 6.66 4.48
N ILE A 18 -15.13 7.94 4.17
CA ILE A 18 -13.86 8.54 3.82
C ILE A 18 -12.97 8.62 5.07
N TYR A 19 -13.39 9.27 6.15
CA TYR A 19 -12.41 9.55 7.24
C TYR A 19 -12.07 8.24 7.98
N ARG A 20 -13.04 7.33 7.97
CA ARG A 20 -12.88 5.90 8.19
C ARG A 20 -11.60 5.33 7.59
N PHE A 21 -11.48 5.47 6.26
CA PHE A 21 -10.39 4.89 5.51
C PHE A 21 -9.10 5.45 6.02
N PHE A 22 -9.12 6.73 6.39
CA PHE A 22 -7.90 7.45 6.77
C PHE A 22 -7.51 7.24 8.23
N GLN A 23 -8.51 7.12 9.07
CA GLN A 23 -8.26 6.90 10.49
C GLN A 23 -7.83 5.44 10.74
N ASP A 24 -8.50 4.51 10.05
CA ASP A 24 -8.25 3.06 10.20
C ASP A 24 -8.26 2.29 8.85
N PRO A 25 -7.29 2.55 7.99
CA PRO A 25 -7.38 1.97 6.66
C PRO A 25 -7.21 0.45 6.72
N PRO A 26 -7.70 -0.25 5.70
CA PRO A 26 -7.51 -1.71 5.75
C PRO A 26 -6.03 -2.09 5.48
N PRO A 27 -5.64 -3.27 5.94
CA PRO A 27 -4.25 -3.63 5.71
C PRO A 27 -3.89 -4.10 4.29
N HIS A 28 -2.59 -4.17 4.01
CA HIS A 28 -2.10 -4.73 2.79
C HIS A 28 -1.46 -6.09 3.12
N TYR A 29 -1.62 -7.06 2.23
CA TYR A 29 -0.83 -8.31 2.32
C TYR A 29 0.61 -8.12 1.82
N LEU A 30 1.57 -8.70 2.52
CA LEU A 30 2.96 -8.64 2.10
C LEU A 30 3.22 -9.38 0.83
N SER A 31 4.08 -8.81 -0.01
CA SER A 31 4.66 -9.55 -1.13
C SER A 31 5.69 -10.51 -0.66
N LYS A 32 6.10 -11.42 -1.53
CA LYS A 32 7.15 -12.37 -1.17
C LYS A 32 8.44 -11.67 -0.77
N GLU A 33 8.76 -10.56 -1.43
CA GLU A 33 10.00 -9.86 -1.09
C GLU A 33 9.93 -9.25 0.31
N LEU A 34 8.82 -8.59 0.61
CA LEU A 34 8.62 -8.07 1.96
C LEU A 34 8.58 -9.20 2.99
N ALA A 35 7.92 -10.30 2.66
CA ALA A 35 7.79 -11.42 3.59
C ALA A 35 9.14 -11.96 3.99
N VAL A 36 10.05 -12.08 3.04
CA VAL A 36 11.41 -12.59 3.32
C VAL A 36 12.08 -11.73 4.36
N CYS A 37 12.00 -10.40 4.17
CA CYS A 37 12.67 -9.45 5.07
C CYS A 37 11.98 -9.41 6.42
N TYR A 38 10.65 -9.48 6.45
CA TYR A 38 9.94 -9.58 7.73
C TYR A 38 10.34 -10.81 8.54
N VAL A 39 10.32 -11.96 7.88
CA VAL A 39 10.62 -13.22 8.55
C VAL A 39 12.02 -13.17 9.15
N LEU A 40 12.97 -12.66 8.39
CA LEU A 40 14.32 -12.51 8.88
C LEU A 40 14.42 -11.54 10.06
N ALA A 41 13.70 -10.42 10.00
CA ALA A 41 13.64 -9.46 11.13
C ALA A 41 13.20 -10.18 12.42
N VAL A 42 12.19 -11.06 12.30
CA VAL A 42 11.68 -11.83 13.44
C VAL A 42 12.73 -12.84 13.92
N LEU A 43 13.27 -13.63 13.00
CA LEU A 43 14.18 -14.72 13.40
C LEU A 43 15.51 -14.20 13.96
N ARG A 44 15.88 -12.96 13.67
CA ARG A 44 17.11 -12.39 14.25
C ARG A 44 16.92 -12.22 15.75
N HIS A 45 15.67 -12.15 16.18
CA HIS A 45 15.39 -11.99 17.61
C HIS A 45 14.97 -13.24 18.37
N GLU A 46 14.29 -14.16 17.68
CA GLU A 46 13.81 -15.42 18.28
C GLU A 46 13.45 -16.42 17.20
N ASP A 47 13.57 -17.71 17.50
CA ASP A 47 13.08 -18.75 16.57
C ASP A 47 11.56 -18.63 16.53
N SER A 48 10.97 -18.98 15.40
CA SER A 48 9.50 -18.88 15.27
C SER A 48 8.96 -20.00 14.38
N TYR A 49 7.66 -19.94 14.10
CA TYR A 49 6.99 -20.95 13.33
C TYR A 49 5.90 -20.27 12.53
N GLY A 50 5.42 -20.95 11.50
CA GLY A 50 4.47 -20.31 10.57
C GLY A 50 3.27 -19.62 11.16
N THR A 51 2.50 -20.30 11.97
CA THR A 51 1.33 -19.69 12.61
C THR A 51 1.68 -18.39 13.36
N GLU A 52 2.74 -18.45 14.13
CA GLU A 52 3.21 -17.26 14.89
C GLU A 52 3.70 -16.12 14.02
N LEU A 53 4.38 -16.42 12.91
CA LEU A 53 4.89 -15.40 12.01
C LEU A 53 3.69 -14.65 11.44
N ILE A 54 2.63 -15.39 11.08
CA ILE A 54 1.42 -14.72 10.58
C ILE A 54 0.74 -13.92 11.67
N GLN A 55 0.49 -14.52 12.83
CA GLN A 55 -0.19 -13.79 13.91
C GLN A 55 0.58 -12.58 14.45
N HIS A 56 1.89 -12.75 14.64
CA HIS A 56 2.81 -11.68 15.14
C HIS A 56 2.77 -10.47 14.22
N LEU A 57 2.62 -10.70 12.92
CA LEU A 57 2.54 -9.58 12.02
C LEU A 57 1.28 -8.77 12.30
N GLU A 58 0.15 -9.46 12.39
CA GLU A 58 -1.13 -8.78 12.62
C GLU A 58 -1.09 -7.95 13.94
N THR A 59 -0.38 -8.44 14.96
CA THR A 59 -0.37 -7.78 16.28
C THR A 59 0.70 -6.68 16.39
N HIS A 60 1.84 -6.88 15.77
CA HIS A 60 2.94 -5.91 15.91
C HIS A 60 2.89 -4.86 14.83
N TRP A 61 2.40 -5.24 13.64
CA TRP A 61 2.38 -4.35 12.49
C TRP A 61 1.02 -4.48 11.80
N PRO A 62 -0.03 -4.05 12.51
CA PRO A 62 -1.42 -4.28 12.05
C PRO A 62 -1.81 -3.63 10.71
N ASN A 63 -0.99 -2.78 10.11
CA ASN A 63 -1.28 -2.37 8.73
C ASN A 63 -0.92 -3.42 7.65
N TYR A 64 -0.43 -4.58 8.09
CA TYR A 64 -0.01 -5.64 7.16
C TYR A 64 -0.55 -7.02 7.57
N ARG A 65 -0.68 -7.89 6.60
CA ARG A 65 -1.07 -9.30 6.82
C ARG A 65 -0.18 -10.16 5.95
N LEU A 66 -0.13 -11.45 6.27
CA LEU A 66 0.68 -12.42 5.58
C LEU A 66 -0.13 -13.69 5.39
N SER A 67 -0.20 -14.16 4.13
CA SER A 67 -0.94 -15.39 3.77
C SER A 67 -0.05 -16.63 3.88
N ASP A 68 -0.67 -17.78 4.00
CA ASP A 68 0.05 -19.04 4.04
C ASP A 68 0.89 -19.22 2.77
N THR A 69 0.33 -18.87 1.62
CA THR A 69 1.04 -19.04 0.35
C THR A 69 2.32 -18.21 0.30
N VAL A 70 2.24 -16.94 0.66
CA VAL A 70 3.42 -16.09 0.60
C VAL A 70 4.43 -16.50 1.66
N LEU A 71 3.95 -16.87 2.84
CA LEU A 71 4.84 -17.33 3.92
C LEU A 71 5.64 -18.53 3.43
N TYR A 72 4.98 -19.49 2.80
CA TYR A 72 5.66 -20.69 2.30
C TYR A 72 6.72 -20.35 1.25
N THR A 73 6.36 -19.44 0.36
CA THR A 73 7.28 -18.95 -0.64
C THR A 73 8.56 -18.36 -0.04
N ALA A 74 8.39 -17.49 0.95
CA ALA A 74 9.50 -16.85 1.65
C ALA A 74 10.32 -17.86 2.38
N LEU A 75 9.67 -18.78 3.12
CA LEU A 75 10.44 -19.80 3.88
C LEU A 75 11.23 -20.71 2.94
N LYS A 76 10.62 -21.15 1.83
CA LYS A 76 11.29 -22.02 0.85
C LYS A 76 12.49 -21.29 0.25
N PHE A 77 12.34 -20.02 -0.06
CA PHE A 77 13.47 -19.25 -0.53
C PHE A 77 14.61 -19.21 0.48
N LEU A 78 14.28 -18.87 1.72
CA LEU A 78 15.29 -18.71 2.76
C LEU A 78 16.01 -20.04 3.09
N GLU A 79 15.29 -21.14 3.01
CA GLU A 79 15.89 -22.49 3.10
C GLU A 79 16.79 -22.85 1.90
N ASP A 80 16.29 -22.63 0.68
CA ASP A 80 17.07 -22.87 -0.55
C ASP A 80 18.40 -22.09 -0.52
N GLU A 81 18.37 -20.86 0.03
CA GLU A 81 19.52 -20.01 0.15
C GLU A 81 20.33 -20.28 1.41
N GLN A 82 19.88 -21.26 2.21
CA GLN A 82 20.58 -21.67 3.42
C GLN A 82 20.74 -20.53 4.43
N ILE A 83 19.78 -19.62 4.46
CA ILE A 83 19.78 -18.52 5.39
C ILE A 83 19.05 -18.92 6.67
N ILE A 84 18.05 -19.81 6.56
CA ILE A 84 17.38 -20.37 7.75
C ILE A 84 17.41 -21.88 7.70
N SER A 85 17.13 -22.50 8.85
CA SER A 85 16.93 -23.96 8.89
C SER A 85 15.74 -24.29 9.75
N GLY A 86 15.17 -25.47 9.48
CA GLY A 86 13.98 -25.89 10.19
C GLY A 86 14.31 -26.98 11.18
N TYR A 87 13.44 -27.10 12.19
CA TYR A 87 13.56 -28.16 13.17
C TYR A 87 12.20 -28.47 13.77
N TRP A 88 12.03 -29.66 14.31
CA TRP A 88 10.79 -30.02 15.00
C TRP A 88 10.87 -29.77 16.51
N LYS A 89 9.77 -29.32 17.10
CA LYS A 89 9.72 -29.04 18.53
C LYS A 89 8.40 -29.52 19.11
N LYS A 90 8.46 -30.07 20.33
CA LYS A 90 7.25 -30.45 21.04
C LYS A 90 6.40 -29.27 21.43
N VAL A 91 5.09 -29.52 21.41
CA VAL A 91 4.11 -28.58 21.87
C VAL A 91 3.37 -29.23 23.05
N GLU A 92 3.36 -28.53 24.18
CA GLU A 92 2.77 -29.12 25.37
C GLU A 92 1.29 -29.38 25.13
N GLY A 93 0.83 -30.57 25.47
CA GLY A 93 -0.57 -30.92 25.33
C GLY A 93 -0.93 -31.51 23.98
N ARG A 94 0.05 -31.61 23.09
CA ARG A 94 -0.16 -32.06 21.74
C ARG A 94 0.87 -33.12 21.35
N GLY A 95 0.44 -34.11 20.56
CA GLY A 95 1.31 -35.20 20.15
C GLY A 95 2.11 -34.83 18.90
N ARG A 96 1.45 -34.15 17.97
CA ARG A 96 2.04 -33.60 16.74
C ARG A 96 3.08 -32.50 17.01
N PRO A 97 4.32 -32.65 16.48
CA PRO A 97 5.27 -31.58 16.72
C PRO A 97 5.03 -30.37 15.83
N ARG A 98 5.74 -29.31 16.19
CA ARG A 98 5.64 -28.03 15.51
C ARG A 98 6.92 -27.75 14.75
N ARG A 99 6.79 -27.19 13.54
CA ARG A 99 7.95 -26.92 12.68
C ARG A 99 8.45 -25.51 12.98
N MET A 100 9.62 -25.45 13.58
CA MET A 100 10.25 -24.20 13.98
C MET A 100 11.29 -23.83 12.94
N TYR A 101 11.61 -22.53 12.89
CA TYR A 101 12.69 -22.05 12.04
C TYR A 101 13.66 -21.21 12.87
N GLN A 102 14.94 -21.30 12.53
CA GLN A 102 15.95 -20.45 13.13
C GLN A 102 16.91 -19.92 12.06
N LEU A 103 17.57 -18.81 12.34
CA LEU A 103 18.63 -18.33 11.47
C LEU A 103 19.68 -19.43 11.38
N ALA A 104 20.20 -19.68 10.18
CA ALA A 104 21.10 -20.85 9.99
C ALA A 104 22.50 -20.58 10.46
N GLN A 105 22.83 -19.32 10.63
CA GLN A 105 24.18 -18.91 10.95
C GLN A 105 24.21 -17.98 12.12
N ALA A 106 25.36 -17.95 12.78
CA ALA A 106 25.58 -17.06 13.91
C ALA A 106 25.70 -15.63 13.43
N ASN A 107 26.57 -15.42 12.45
CA ASN A 107 26.78 -14.08 11.92
C ASN A 107 26.51 -14.15 10.43
N ASP A 108 25.55 -13.33 9.98
CA ASP A 108 25.19 -13.29 8.59
C ASP A 108 24.75 -11.86 8.27
N ASP A 109 25.66 -11.06 7.74
CA ASP A 109 25.29 -9.69 7.33
C ASP A 109 24.16 -9.64 6.29
N ARG A 110 23.97 -10.72 5.54
CA ARG A 110 22.85 -10.79 4.56
C ARG A 110 21.51 -10.75 5.29
N SER A 111 21.35 -11.58 6.30
CA SER A 111 20.13 -11.55 7.10
C SER A 111 19.96 -10.19 7.78
N ARG A 112 21.04 -9.62 8.31
CA ARG A 112 20.98 -8.32 8.96
C ARG A 112 20.51 -7.24 8.00
N ASP A 113 21.09 -7.24 6.81
CA ASP A 113 20.77 -6.25 5.77
C ASP A 113 19.31 -6.37 5.29
N LEU A 114 18.88 -7.59 5.08
CA LEU A 114 17.52 -7.83 4.65
C LEU A 114 16.55 -7.41 5.74
N ALA A 115 16.79 -7.79 6.98
CA ALA A 115 15.97 -7.29 8.08
C ALA A 115 15.89 -5.78 8.09
N GLN A 116 17.00 -5.14 7.80
CA GLN A 116 17.02 -3.68 7.77
C GLN A 116 16.20 -3.07 6.63
N LEU A 117 16.04 -3.77 5.51
CA LEU A 117 15.14 -3.31 4.46
C LEU A 117 13.68 -3.24 5.00
N TRP A 118 13.29 -4.22 5.82
CA TRP A 118 11.97 -4.25 6.46
C TRP A 118 11.75 -3.05 7.40
N GLU A 119 12.68 -2.86 8.31
CA GLU A 119 12.58 -1.75 9.28
C GLU A 119 12.62 -0.39 8.56
N ARG A 120 13.36 -0.29 7.46
CA ARG A 120 13.37 0.94 6.62
C ARG A 120 12.13 1.13 5.76
N TYR A 121 11.51 0.03 5.34
CA TYR A 121 10.24 0.06 4.64
C TYR A 121 9.16 0.60 5.55
N LEU A 122 9.20 0.21 6.81
CA LEU A 122 8.19 0.61 7.79
C LEU A 122 8.42 2.05 8.22
N MET B 13 12.36 -16.64 -6.83
CA MET B 13 12.91 -15.25 -6.79
C MET B 13 14.38 -15.35 -6.45
N ASP B 14 15.09 -14.23 -6.52
CA ASP B 14 16.50 -14.12 -6.10
C ASP B 14 16.71 -12.83 -5.33
N PHE B 15 17.92 -12.58 -4.82
CA PHE B 15 18.12 -11.40 -3.96
C PHE B 15 18.05 -10.08 -4.72
N GLU B 16 18.22 -10.14 -6.02
CA GLU B 16 18.16 -8.95 -6.84
C GLU B 16 16.70 -8.51 -6.93
N ASP B 17 15.78 -9.45 -7.09
CA ASP B 17 14.34 -9.14 -6.97
C ASP B 17 14.08 -8.36 -5.70
N ILE B 18 14.67 -8.84 -4.61
CA ILE B 18 14.40 -8.27 -3.30
C ILE B 18 14.82 -6.80 -3.28
N TYR B 19 16.08 -6.51 -3.58
CA TYR B 19 16.56 -5.11 -3.56
C TYR B 19 15.79 -4.24 -4.57
N ARG B 20 15.58 -4.78 -5.76
CA ARG B 20 14.79 -4.11 -6.81
C ARG B 20 13.38 -3.79 -6.35
N PHE B 21 12.75 -4.72 -5.62
CA PHE B 21 11.44 -4.43 -5.02
C PHE B 21 11.53 -3.23 -4.09
N PHE B 22 12.56 -3.18 -3.26
CA PHE B 22 12.62 -2.10 -2.26
C PHE B 22 13.02 -0.77 -2.90
N GLN B 23 13.73 -0.84 -4.01
CA GLN B 23 14.17 0.36 -4.70
C GLN B 23 12.99 1.00 -5.42
N ASP B 24 12.21 0.16 -6.11
CA ASP B 24 11.10 0.62 -6.98
C ASP B 24 9.95 -0.34 -6.91
N PRO B 25 9.17 -0.35 -5.82
CA PRO B 25 8.04 -1.30 -5.80
C PRO B 25 6.97 -0.96 -6.82
N PRO B 26 6.07 -1.91 -7.14
CA PRO B 26 4.98 -1.54 -8.01
C PRO B 26 4.16 -0.43 -7.35
N PRO B 27 3.63 0.52 -8.13
CA PRO B 27 2.84 1.58 -7.52
C PRO B 27 1.50 1.07 -7.03
N HIS B 28 0.89 1.84 -6.15
CA HIS B 28 -0.41 1.57 -5.62
C HIS B 28 -1.45 2.40 -6.34
N TYR B 29 -2.45 1.72 -6.88
CA TYR B 29 -3.66 2.41 -7.36
C TYR B 29 -4.41 3.04 -6.19
N LEU B 30 -4.85 4.27 -6.38
CA LEU B 30 -5.67 4.92 -5.34
C LEU B 30 -7.00 4.23 -5.12
N SER B 31 -7.39 4.08 -3.85
CA SER B 31 -8.74 3.70 -3.54
C SER B 31 -9.68 4.85 -3.88
N LYS B 32 -10.98 4.58 -3.92
CA LYS B 32 -11.93 5.65 -4.26
C LYS B 32 -11.85 6.79 -3.20
N GLU B 33 -11.60 6.43 -1.96
CA GLU B 33 -11.49 7.41 -0.90
C GLU B 33 -10.29 8.32 -1.07
N LEU B 34 -9.13 7.75 -1.38
CA LEU B 34 -7.96 8.56 -1.64
C LEU B 34 -8.10 9.34 -2.92
N ALA B 35 -8.76 8.77 -3.91
CA ALA B 35 -8.95 9.51 -5.19
C ALA B 35 -9.81 10.76 -5.02
N VAL B 36 -10.88 10.70 -4.21
CA VAL B 36 -11.67 11.89 -3.92
C VAL B 36 -10.80 12.99 -3.31
N CYS B 37 -9.94 12.64 -2.34
CA CYS B 37 -9.08 13.65 -1.68
C CYS B 37 -7.99 14.19 -2.60
N TYR B 38 -7.38 13.32 -3.39
CA TYR B 38 -6.39 13.75 -4.41
C TYR B 38 -7.02 14.72 -5.44
N VAL B 39 -8.15 14.34 -5.99
CA VAL B 39 -8.79 15.20 -6.98
C VAL B 39 -9.08 16.55 -6.37
N LEU B 40 -9.61 16.58 -5.16
CA LEU B 40 -9.88 17.86 -4.52
C LEU B 40 -8.64 18.68 -4.23
N ALA B 41 -7.55 18.03 -3.86
CA ALA B 41 -6.24 18.69 -3.67
C ALA B 41 -5.82 19.43 -4.97
N VAL B 42 -6.01 18.80 -6.12
CA VAL B 42 -5.72 19.41 -7.41
C VAL B 42 -6.62 20.59 -7.71
N LEU B 43 -7.93 20.38 -7.57
CA LEU B 43 -8.94 21.36 -7.95
C LEU B 43 -8.94 22.61 -7.07
N ARG B 44 -8.37 22.50 -5.86
CA ARG B 44 -8.19 23.68 -5.02
C ARG B 44 -7.20 24.69 -5.62
N HIS B 45 -6.31 24.23 -6.51
CA HIS B 45 -5.37 25.12 -7.20
C HIS B 45 -5.69 25.43 -8.66
N GLU B 46 -6.33 24.51 -9.37
CA GLU B 46 -6.54 24.67 -10.80
C GLU B 46 -7.70 23.78 -11.26
N ASP B 47 -8.42 24.21 -12.30
CA ASP B 47 -9.41 23.35 -12.93
C ASP B 47 -8.63 22.23 -13.65
N SER B 48 -9.22 21.07 -13.78
CA SER B 48 -8.54 19.96 -14.45
C SER B 48 -9.54 19.06 -15.19
N TYR B 49 -9.02 18.00 -15.78
CA TYR B 49 -9.79 17.06 -16.56
C TYR B 49 -9.22 15.65 -16.34
N GLY B 50 -10.00 14.63 -16.69
CA GLY B 50 -9.65 13.24 -16.35
C GLY B 50 -8.25 12.84 -16.74
N THR B 51 -7.92 13.02 -18.00
CA THR B 51 -6.65 12.49 -18.51
C THR B 51 -5.50 13.21 -17.77
N GLU B 52 -5.66 14.51 -17.53
CA GLU B 52 -4.67 15.27 -16.77
C GLU B 52 -4.56 14.82 -15.31
N LEU B 53 -5.68 14.57 -14.64
CA LEU B 53 -5.67 14.15 -13.24
C LEU B 53 -4.90 12.84 -13.07
N ILE B 54 -5.10 11.93 -14.00
CA ILE B 54 -4.39 10.65 -14.00
C ILE B 54 -2.88 10.83 -14.23
N GLN B 55 -2.52 11.61 -15.26
CA GLN B 55 -1.14 11.85 -15.64
C GLN B 55 -0.36 12.63 -14.58
N HIS B 56 -1.01 13.65 -14.01
CA HIS B 56 -0.42 14.50 -13.02
C HIS B 56 -0.06 13.67 -11.79
N LEU B 57 -0.91 12.68 -11.47
CA LEU B 57 -0.65 11.88 -10.28
C LEU B 57 0.66 11.09 -10.46
N GLU B 58 0.78 10.44 -11.59
CA GLU B 58 1.99 9.65 -11.86
C GLU B 58 3.24 10.50 -11.97
N THR B 59 3.11 11.66 -12.58
CA THR B 59 4.31 12.49 -12.80
C THR B 59 4.82 13.09 -11.48
N HIS B 60 3.90 13.49 -10.60
CA HIS B 60 4.29 14.17 -9.34
C HIS B 60 4.43 13.22 -8.17
N TRP B 61 3.64 12.16 -8.13
CA TRP B 61 3.71 11.16 -7.08
C TRP B 61 3.77 9.73 -7.69
N PRO B 62 4.92 9.34 -8.23
CA PRO B 62 5.08 8.08 -8.96
C PRO B 62 4.86 6.80 -8.18
N ASN B 63 4.71 6.88 -6.86
CA ASN B 63 4.37 5.70 -6.12
C ASN B 63 2.89 5.32 -6.28
N TYR B 64 2.11 6.20 -6.94
CA TYR B 64 0.67 6.00 -7.10
C TYR B 64 0.24 6.04 -8.54
N ARG B 65 -0.90 5.42 -8.79
CA ARG B 65 -1.60 5.48 -10.09
C ARG B 65 -3.10 5.66 -9.81
N LEU B 66 -3.82 6.15 -10.83
CA LEU B 66 -5.25 6.33 -10.77
C LEU B 66 -5.84 5.73 -12.03
N SER B 67 -6.81 4.82 -11.86
CA SER B 67 -7.52 4.23 -12.96
C SER B 67 -8.71 5.08 -13.41
N ASP B 68 -9.10 4.91 -14.66
CA ASP B 68 -10.33 5.58 -15.10
C ASP B 68 -11.58 5.19 -14.31
N THR B 69 -11.64 3.92 -13.93
CA THR B 69 -12.76 3.42 -13.16
C THR B 69 -12.93 4.16 -11.82
N VAL B 70 -11.84 4.25 -11.10
CA VAL B 70 -11.84 4.89 -9.77
C VAL B 70 -11.98 6.40 -9.91
N LEU B 71 -11.35 6.98 -10.92
CA LEU B 71 -11.53 8.42 -11.20
C LEU B 71 -12.99 8.78 -11.42
N TYR B 72 -13.69 7.98 -12.21
CA TYR B 72 -15.06 8.34 -12.53
C TYR B 72 -15.98 8.11 -11.36
N THR B 73 -15.67 7.11 -10.53
CA THR B 73 -16.33 6.93 -9.22
C THR B 73 -16.19 8.17 -8.33
N ALA B 74 -14.98 8.65 -8.26
CA ALA B 74 -14.69 9.85 -7.44
C ALA B 74 -15.34 11.08 -8.00
N LEU B 75 -15.26 11.26 -9.30
CA LEU B 75 -15.91 12.45 -9.91
C LEU B 75 -17.43 12.44 -9.75
N LYS B 76 -18.06 11.30 -9.96
CA LYS B 76 -19.49 11.19 -9.80
C LYS B 76 -19.90 11.50 -8.37
N PHE B 77 -19.18 10.98 -7.38
CA PHE B 77 -19.47 11.24 -5.97
C PHE B 77 -19.43 12.73 -5.70
N LEU B 78 -18.36 13.35 -6.17
CA LEU B 78 -18.12 14.78 -5.88
C LEU B 78 -19.12 15.64 -6.58
N GLU B 79 -19.61 15.21 -7.76
CA GLU B 79 -20.68 15.98 -8.42
C GLU B 79 -22.02 15.82 -7.71
N ASP B 80 -22.33 14.58 -7.36
CA ASP B 80 -23.54 14.25 -6.62
C ASP B 80 -23.65 14.95 -5.25
N GLU B 81 -22.53 15.13 -4.59
CA GLU B 81 -22.45 15.85 -3.34
C GLU B 81 -22.30 17.36 -3.52
N GLN B 82 -22.29 17.84 -4.77
CA GLN B 82 -22.27 19.26 -5.13
C GLN B 82 -20.99 19.95 -4.74
N ILE B 83 -19.88 19.19 -4.66
CA ILE B 83 -18.60 19.80 -4.32
C ILE B 83 -17.87 20.30 -5.58
N ILE B 84 -18.05 19.57 -6.69
CA ILE B 84 -17.47 19.95 -7.96
C ILE B 84 -18.55 20.10 -8.99
N SER B 85 -18.19 20.82 -10.04
CA SER B 85 -19.02 20.97 -11.20
C SER B 85 -18.18 20.82 -12.45
N GLY B 86 -18.85 20.52 -13.55
CA GLY B 86 -18.21 20.32 -14.81
C GLY B 86 -18.62 21.37 -15.80
N TYR B 87 -17.79 21.50 -16.83
CA TYR B 87 -18.09 22.35 -17.96
C TYR B 87 -17.36 21.81 -19.16
N TRP B 88 -17.85 22.16 -20.34
CA TRP B 88 -17.27 21.65 -21.58
C TRP B 88 -16.31 22.68 -22.12
N LYS B 89 -15.17 22.21 -22.63
CA LYS B 89 -14.18 23.09 -23.16
C LYS B 89 -13.74 22.64 -24.56
N LYS B 90 -13.56 23.62 -25.44
CA LYS B 90 -13.06 23.38 -26.81
C LYS B 90 -11.55 23.15 -26.78
N VAL B 91 -11.09 22.02 -27.31
CA VAL B 91 -9.67 21.75 -27.50
C VAL B 91 -9.25 22.06 -28.95
N GLU B 92 -8.24 22.91 -29.10
CA GLU B 92 -7.54 23.17 -30.39
C GLU B 92 -7.38 21.94 -31.30
N GLY B 93 -7.88 22.05 -32.51
CA GLY B 93 -7.72 21.02 -33.53
C GLY B 93 -8.40 19.70 -33.28
N ARG B 94 -9.44 19.70 -32.45
CA ARG B 94 -10.16 18.47 -32.14
C ARG B 94 -11.69 18.68 -32.10
N GLY B 95 -12.41 17.73 -32.68
CA GLY B 95 -13.86 17.76 -32.67
C GLY B 95 -14.41 17.50 -31.27
N ARG B 96 -13.87 16.47 -30.62
CA ARG B 96 -14.37 16.03 -29.32
C ARG B 96 -14.12 17.10 -28.25
N PRO B 97 -15.18 17.52 -27.54
CA PRO B 97 -14.96 18.49 -26.47
C PRO B 97 -14.42 17.80 -25.23
N ARG B 98 -13.87 18.61 -24.34
CA ARG B 98 -13.15 18.13 -23.16
C ARG B 98 -13.99 18.50 -21.94
N ARG B 99 -14.26 17.54 -21.07
CA ARG B 99 -15.00 17.83 -19.85
C ARG B 99 -13.96 18.29 -18.83
N MET B 100 -14.08 19.54 -18.44
CA MET B 100 -13.31 20.13 -17.35
C MET B 100 -14.10 20.08 -16.03
N TYR B 101 -13.36 20.10 -14.92
CA TYR B 101 -13.94 20.06 -13.57
C TYR B 101 -13.36 21.19 -12.73
N GLN B 102 -14.22 21.75 -11.89
CA GLN B 102 -13.81 22.82 -10.97
C GLN B 102 -14.56 22.72 -9.66
N LEU B 103 -14.03 23.34 -8.61
CA LEU B 103 -14.77 23.40 -7.37
C LEU B 103 -15.95 24.31 -7.59
N ALA B 104 -17.14 23.88 -7.17
CA ALA B 104 -18.33 24.74 -7.18
C ALA B 104 -18.28 25.78 -6.03
N GLN B 105 -18.97 26.91 -6.23
CA GLN B 105 -19.11 27.93 -5.16
C GLN B 105 -20.06 27.37 -4.14
N ALA B 106 -19.65 27.36 -2.88
CA ALA B 106 -20.45 26.88 -1.76
C ALA B 106 -20.02 27.52 -0.45
N ASN B 107 -20.94 27.63 0.50
CA ASN B 107 -20.57 28.13 1.85
C ASN B 107 -19.62 27.16 2.57
N ASP B 108 -20.02 25.92 2.66
CA ASP B 108 -19.24 24.87 3.36
C ASP B 108 -18.17 24.34 2.39
N ASP B 109 -16.94 24.79 2.63
CA ASP B 109 -15.79 24.36 1.82
C ASP B 109 -15.41 22.93 2.24
N ARG B 110 -16.08 21.94 1.65
CA ARG B 110 -15.78 20.53 1.97
C ARG B 110 -14.40 20.12 1.47
N SER B 111 -13.94 20.78 0.40
CA SER B 111 -12.68 20.42 -0.23
C SER B 111 -11.44 20.61 0.66
N ARG B 112 -11.43 21.59 1.55
CA ARG B 112 -10.21 21.85 2.34
C ARG B 112 -9.86 20.66 3.21
N ASP B 113 -10.84 20.25 4.00
CA ASP B 113 -10.76 19.11 4.91
C ASP B 113 -10.29 17.83 4.18
N LEU B 114 -10.90 17.55 3.04
CA LEU B 114 -10.60 16.31 2.32
C LEU B 114 -9.24 16.41 1.66
N ALA B 115 -8.89 17.57 1.11
CA ALA B 115 -7.55 17.78 0.54
C ALA B 115 -6.45 17.59 1.58
N GLN B 116 -6.68 18.08 2.78
CA GLN B 116 -5.76 17.86 3.91
C GLN B 116 -5.52 16.39 4.19
N LEU B 117 -6.56 15.56 4.05
CA LEU B 117 -6.43 14.14 4.31
C LEU B 117 -5.46 13.47 3.29
N TRP B 118 -5.48 13.93 2.04
CA TRP B 118 -4.50 13.53 1.05
C TRP B 118 -3.07 13.87 1.48
N GLU B 119 -2.85 15.14 1.76
CA GLU B 119 -1.50 15.62 2.07
C GLU B 119 -0.96 14.93 3.33
N ARG B 120 -1.81 14.78 4.33
CA ARG B 120 -1.40 14.09 5.55
C ARG B 120 -1.02 12.64 5.25
N TYR B 121 -1.84 11.96 4.45
CA TYR B 121 -1.56 10.61 4.00
C TYR B 121 -0.20 10.53 3.28
N LEU B 122 0.12 11.53 2.48
CA LEU B 122 1.39 11.54 1.75
C LEU B 122 2.60 11.55 2.69
N SER B 123 2.53 12.38 3.73
CA SER B 123 3.61 12.41 4.72
C SER B 123 3.68 11.15 5.61
N SER B 124 2.58 10.40 5.70
CA SER B 124 2.53 9.18 6.51
C SER B 124 3.08 7.96 5.78
S SO4 C . 1.34 -25.07 14.49
O1 SO4 C . 0.97 -24.45 15.72
O2 SO4 C . 1.57 -24.10 13.46
O3 SO4 C . 2.48 -25.96 14.67
O4 SO4 C . 0.30 -25.96 14.02
S SO4 D . -9.49 14.44 -23.09
O1 SO4 D . -9.85 13.19 -23.71
O2 SO4 D . -10.50 15.40 -23.46
O3 SO4 D . -9.41 14.36 -21.64
O4 SO4 D . -8.21 14.88 -23.62
#